data_8A0O
#
_entry.id   8A0O
#
_cell.length_a   56.634
_cell.length_b   56.634
_cell.length_c   181
_cell.angle_alpha   90
_cell.angle_beta   90
_cell.angle_gamma   90
#
_symmetry.space_group_name_H-M   'P 41 21 2'
#
loop_
_entity.id
_entity.type
_entity.pdbx_description
1 polymer 'Glutathione transferase'
2 non-polymer 'CHLORIDE ION'
3 non-polymer galangin
4 water water
#
_entity_poly.entity_id   1
_entity_poly.type   'polypeptide(L)'
_entity_poly.pdbx_seq_one_letter_code
;MADVKLHGSWVSPFNYRVIWALKLKGVEFEHIVEDLTNKSELLLKYNPVYKKIPVLVHGGKPIAESLVILEYIEETWPEN
PLLPTDPYERAMARFWIQYGATKTAAFGALFRASGEELEKAAKEVVEVLRVLEEQGLGDKKFFGGDSINLVDISFGLFTC
WLEAIEEAAGVKVLEPSTLPRLHAWAQNFIEVPLIKENIPDYDKLLLHMKGVREKMMNK
;
_entity_poly.pdbx_strand_id   A
#
loop_
_chem_comp.id
_chem_comp.type
_chem_comp.name
_chem_comp.formula
CL non-polymer 'CHLORIDE ION' 'Cl -1'
KMC non-polymer galangin 'C15 H10 O5'
#
# COMPACT_ATOMS: atom_id res chain seq x y z
N ASP A 3 11.30 19.86 -8.89
CA ASP A 3 12.28 18.88 -9.38
C ASP A 3 11.70 17.45 -9.30
N VAL A 4 10.97 17.18 -8.25
CA VAL A 4 10.31 15.89 -8.05
C VAL A 4 8.84 16.16 -8.07
N LYS A 5 8.09 15.50 -8.95
CA LYS A 5 6.65 15.67 -9.03
C LYS A 5 5.99 14.31 -8.85
N LEU A 6 4.83 14.29 -8.23
CA LEU A 6 4.09 13.03 -8.03
C LEU A 6 2.67 13.14 -8.55
N HIS A 7 2.34 12.34 -9.57
CA HIS A 7 0.99 12.29 -10.12
C HIS A 7 0.29 11.14 -9.45
N GLY A 8 -0.83 11.40 -8.78
CA GLY A 8 -1.57 10.35 -8.09
C GLY A 8 -2.88 10.78 -7.48
N SER A 9 -3.64 9.80 -6.96
CA SER A 9 -4.95 10.00 -6.34
C SER A 9 -4.83 10.27 -4.84
N TRP A 10 -5.77 11.06 -4.25
CA TRP A 10 -5.71 11.34 -2.80
C TRP A 10 -6.31 10.23 -1.91
N VAL A 11 -6.82 9.17 -2.50
CA VAL A 11 -7.32 8.02 -1.74
C VAL A 11 -6.55 6.73 -2.10
N SER A 12 -5.72 6.74 -3.16
CA SER A 12 -5.05 5.52 -3.60
C SER A 12 -3.97 5.11 -2.63
N PRO A 13 -3.98 3.84 -2.18
CA PRO A 13 -2.89 3.37 -1.32
C PRO A 13 -1.53 3.38 -2.02
N PHE A 14 -1.52 3.21 -3.35
CA PHE A 14 -0.32 3.18 -4.18
C PHE A 14 0.35 4.56 -4.21
N ASN A 15 -0.48 5.62 -4.24
CA ASN A 15 0.04 6.98 -4.18
C ASN A 15 0.66 7.25 -2.77
N TYR A 16 -0.03 6.80 -1.72
CA TYR A 16 0.48 6.97 -0.35
C TYR A 16 1.79 6.27 -0.10
N ARG A 17 2.03 5.10 -0.74
CA ARG A 17 3.34 4.42 -0.58
C ARG A 17 4.49 5.34 -0.98
N VAL A 18 4.28 6.06 -2.09
CA VAL A 18 5.27 6.97 -2.65
C VAL A 18 5.44 8.17 -1.77
N ILE A 19 4.34 8.76 -1.27
CA ILE A 19 4.43 9.91 -0.33
C ILE A 19 5.26 9.52 0.91
N TRP A 20 4.99 8.35 1.49
CA TRP A 20 5.72 7.87 2.67
C TRP A 20 7.20 7.75 2.38
N ALA A 21 7.56 7.13 1.26
CA ALA A 21 8.95 6.95 0.91
C ALA A 21 9.66 8.29 0.72
N LEU A 22 9.04 9.23 -0.02
CA LEU A 22 9.65 10.55 -0.25
C LEU A 22 9.81 11.32 1.05
N LYS A 23 8.81 11.23 1.92
CA LYS A 23 8.88 11.92 3.21
C LYS A 23 9.87 11.30 4.16
N LEU A 24 10.04 9.98 4.12
CA LEU A 24 11.06 9.30 4.90
C LEU A 24 12.48 9.70 4.43
N LYS A 25 12.62 10.03 3.14
CA LYS A 25 13.89 10.44 2.59
C LYS A 25 14.13 11.98 2.73
N GLY A 26 13.11 12.74 3.10
CA GLY A 26 13.21 14.19 3.21
C GLY A 26 13.23 14.88 1.86
N VAL A 27 12.65 14.26 0.84
CA VAL A 27 12.63 14.77 -0.53
C VAL A 27 11.48 15.70 -0.78
N GLU A 28 11.81 16.91 -1.22
CA GLU A 28 10.79 17.92 -1.53
C GLU A 28 10.12 17.50 -2.82
N PHE A 29 8.79 17.54 -2.86
CA PHE A 29 8.07 17.16 -4.07
C PHE A 29 6.77 17.93 -4.24
N GLU A 30 6.29 18.04 -5.47
CA GLU A 30 5.02 18.68 -5.77
C GLU A 30 4.00 17.57 -6.06
N HIS A 31 2.86 17.60 -5.38
CA HIS A 31 1.80 16.62 -5.63
C HIS A 31 0.83 17.16 -6.67
N ILE A 32 0.73 16.48 -7.81
CA ILE A 32 -0.15 16.86 -8.90
C ILE A 32 -1.36 15.94 -8.89
N VAL A 33 -2.50 16.47 -8.47
CA VAL A 33 -3.74 15.68 -8.39
C VAL A 33 -4.19 15.27 -9.79
N GLU A 34 -4.37 13.95 -9.99
CA GLU A 34 -4.78 13.45 -11.30
C GLU A 34 -6.26 13.12 -11.37
N ASP A 35 -6.98 13.83 -12.24
CA ASP A 35 -8.40 13.62 -12.44
C ASP A 35 -8.56 12.35 -13.29
N LEU A 36 -9.30 11.36 -12.79
CA LEU A 36 -9.48 10.10 -13.52
C LEU A 36 -10.37 10.27 -14.75
N THR A 37 -11.37 11.15 -14.67
CA THR A 37 -12.29 11.40 -15.77
C THR A 37 -11.64 12.23 -16.89
N ASN A 38 -10.74 13.16 -16.52
CA ASN A 38 -10.04 13.98 -17.49
C ASN A 38 -8.54 13.97 -17.20
N LYS A 39 -7.82 12.99 -17.77
CA LYS A 39 -6.38 12.87 -17.56
C LYS A 39 -5.60 13.89 -18.39
N SER A 40 -4.61 14.55 -17.76
CA SER A 40 -3.79 15.57 -18.42
C SER A 40 -2.88 14.99 -19.52
N GLU A 41 -2.36 15.86 -20.40
CA GLU A 41 -1.45 15.46 -21.48
C GLU A 41 -0.15 14.84 -20.94
N LEU A 42 0.31 15.31 -19.77
CA LEU A 42 1.52 14.81 -19.13
C LEU A 42 1.38 13.33 -18.75
N LEU A 43 0.29 12.95 -18.06
CA LEU A 43 0.06 11.57 -17.61
C LEU A 43 -0.05 10.56 -18.76
N LEU A 44 -0.56 10.99 -19.92
CA LEU A 44 -0.69 10.12 -21.09
C LEU A 44 0.64 9.91 -21.83
N LYS A 45 1.61 10.82 -21.67
CA LYS A 45 2.91 10.72 -22.33
C LYS A 45 3.95 10.09 -21.39
N TYR A 46 3.90 10.46 -20.10
CA TYR A 46 4.79 9.94 -19.05
C TYR A 46 4.52 8.46 -18.80
N ASN A 47 3.25 8.06 -18.82
CA ASN A 47 2.88 6.66 -18.65
C ASN A 47 1.97 6.22 -19.80
N PRO A 48 2.54 5.93 -20.99
CA PRO A 48 1.69 5.51 -22.10
C PRO A 48 1.26 4.04 -22.03
N VAL A 49 1.97 3.21 -21.25
CA VAL A 49 1.65 1.79 -21.13
C VAL A 49 0.35 1.54 -20.32
N TYR A 50 0.31 1.89 -19.03
CA TYR A 50 -0.88 1.66 -18.22
C TYR A 50 -1.82 2.88 -18.16
N LYS A 51 -1.29 4.10 -18.46
CA LYS A 51 -2.04 5.36 -18.35
C LYS A 51 -2.69 5.50 -16.96
N LYS A 52 -2.01 4.96 -15.93
CA LYS A 52 -2.52 4.93 -14.58
C LYS A 52 -1.52 5.52 -13.59
N ILE A 53 -2.04 5.93 -12.45
CA ILE A 53 -1.25 6.53 -11.39
C ILE A 53 -0.85 5.43 -10.34
N PRO A 54 0.21 5.66 -9.53
CA PRO A 54 1.04 6.86 -9.46
C PRO A 54 2.18 6.90 -10.47
N VAL A 55 2.65 8.12 -10.78
CA VAL A 55 3.81 8.31 -11.62
C VAL A 55 4.71 9.31 -10.92
N LEU A 56 5.98 8.97 -10.72
CA LEU A 56 6.94 9.90 -10.15
C LEU A 56 7.70 10.51 -11.32
N VAL A 57 7.97 11.81 -11.28
CA VAL A 57 8.69 12.50 -12.35
C VAL A 57 9.87 13.19 -11.71
N HIS A 58 11.08 12.82 -12.08
CA HIS A 58 12.28 13.36 -11.48
C HIS A 58 13.15 13.87 -12.58
N GLY A 59 13.39 15.17 -12.59
CA GLY A 59 14.17 15.79 -13.67
C GLY A 59 13.51 15.62 -15.02
N GLY A 60 12.17 15.62 -15.03
CA GLY A 60 11.36 15.44 -16.23
C GLY A 60 11.22 14.02 -16.72
N LYS A 61 11.82 13.04 -16.01
CA LYS A 61 11.77 11.64 -16.45
C LYS A 61 10.81 10.84 -15.60
N PRO A 62 9.86 10.12 -16.23
CA PRO A 62 8.85 9.41 -15.46
C PRO A 62 9.22 8.01 -15.00
N ILE A 63 8.73 7.64 -13.81
CA ILE A 63 8.91 6.32 -13.22
C ILE A 63 7.51 5.89 -12.78
N ALA A 64 6.96 4.84 -13.40
CA ALA A 64 5.65 4.34 -13.03
C ALA A 64 5.72 2.99 -12.30
N GLU A 65 4.62 2.62 -11.61
CA GLU A 65 4.47 1.40 -10.84
C GLU A 65 5.11 1.61 -9.47
N SER A 66 4.27 1.82 -8.45
CA SER A 66 4.73 2.10 -7.08
C SER A 66 5.92 1.20 -6.62
N LEU A 67 5.95 -0.09 -6.93
CA LEU A 67 7.07 -0.95 -6.50
C LEU A 67 8.43 -0.59 -7.19
N VAL A 68 8.38 -0.22 -8.46
CA VAL A 68 9.56 0.25 -9.19
C VAL A 68 9.95 1.64 -8.66
N ILE A 69 8.95 2.49 -8.38
CA ILE A 69 9.17 3.84 -7.85
C ILE A 69 9.89 3.76 -6.50
N LEU A 70 9.45 2.83 -5.64
CA LEU A 70 10.02 2.70 -4.29
C LEU A 70 11.48 2.35 -4.37
N GLU A 71 11.87 1.44 -5.31
CA GLU A 71 13.27 1.08 -5.45
C GLU A 71 14.09 2.20 -6.08
N TYR A 72 13.48 2.99 -6.98
CA TYR A 72 14.15 4.14 -7.56
C TYR A 72 14.44 5.17 -6.45
N ILE A 73 13.49 5.40 -5.55
CA ILE A 73 13.68 6.36 -4.46
C ILE A 73 14.82 5.87 -3.54
N GLU A 74 14.80 4.57 -3.21
CA GLU A 74 15.84 3.97 -2.35
C GLU A 74 17.22 4.10 -2.96
N GLU A 75 17.34 3.93 -4.27
CA GLU A 75 18.62 4.00 -4.95
C GLU A 75 19.08 5.43 -5.22
N THR A 76 18.14 6.33 -5.48
CA THR A 76 18.45 7.74 -5.75
C THR A 76 18.79 8.53 -4.50
N TRP A 77 18.09 8.25 -3.39
CA TRP A 77 18.36 8.89 -2.10
C TRP A 77 18.72 7.81 -1.10
N PRO A 78 19.98 7.33 -1.13
CA PRO A 78 20.34 6.17 -0.32
C PRO A 78 20.37 6.37 1.19
N GLU A 79 20.45 7.60 1.68
CA GLU A 79 20.43 7.85 3.12
C GLU A 79 19.08 7.46 3.73
N ASN A 80 19.03 7.09 5.02
CA ASN A 80 17.78 6.62 5.68
C ASN A 80 17.31 5.35 4.90
N PRO A 81 18.13 4.29 4.86
CA PRO A 81 17.77 3.13 4.03
C PRO A 81 16.44 2.51 4.37
N LEU A 82 15.71 2.15 3.33
CA LEU A 82 14.42 1.46 3.44
C LEU A 82 14.50 -0.02 2.98
N LEU A 83 15.70 -0.51 2.64
CA LEU A 83 15.95 -1.91 2.35
C LEU A 83 17.23 -2.31 3.08
N PRO A 84 17.33 -3.57 3.50
CA PRO A 84 18.57 -4.02 4.15
C PRO A 84 19.71 -4.12 3.14
N THR A 85 20.97 -4.14 3.59
CA THR A 85 22.11 -4.23 2.66
C THR A 85 22.42 -5.68 2.28
N ASP A 86 22.14 -6.64 3.18
CA ASP A 86 22.47 -8.04 2.92
C ASP A 86 21.62 -8.56 1.79
N PRO A 87 22.22 -9.16 0.73
CA PRO A 87 21.40 -9.65 -0.39
C PRO A 87 20.29 -10.63 -0.03
N TYR A 88 20.54 -11.56 0.94
CA TYR A 88 19.48 -12.52 1.28
C TYR A 88 18.30 -11.78 1.94
N GLU A 89 18.59 -10.87 2.87
CA GLU A 89 17.53 -10.10 3.53
C GLU A 89 16.79 -9.22 2.50
N ARG A 90 17.54 -8.65 1.51
CA ARG A 90 16.88 -7.86 0.45
C ARG A 90 15.96 -8.72 -0.39
N ALA A 91 16.38 -9.97 -0.71
CA ALA A 91 15.56 -10.89 -1.48
C ALA A 91 14.30 -11.23 -0.70
N MET A 92 14.40 -11.44 0.62
CA MET A 92 13.22 -11.77 1.42
C MET A 92 12.24 -10.59 1.43
N ALA A 93 12.77 -9.34 1.46
CA ALA A 93 11.92 -8.15 1.41
C ALA A 93 11.23 -8.10 0.07
N ARG A 94 11.98 -8.37 -1.04
CA ARG A 94 11.36 -8.39 -2.36
C ARG A 94 10.32 -9.47 -2.51
N PHE A 95 10.61 -10.64 -1.95
CA PHE A 95 9.71 -11.79 -1.97
C PHE A 95 8.36 -11.44 -1.31
N TRP A 96 8.38 -10.88 -0.10
CA TRP A 96 7.13 -10.53 0.58
C TRP A 96 6.40 -9.43 -0.10
N ILE A 97 7.10 -8.45 -0.68
CA ILE A 97 6.45 -7.40 -1.45
C ILE A 97 5.72 -8.01 -2.66
N GLN A 98 6.39 -8.92 -3.39
N GLN A 98 6.39 -8.92 -3.39
CA GLN A 98 5.80 -9.60 -4.55
CA GLN A 98 5.75 -9.59 -4.53
C GLN A 98 4.59 -10.44 -4.13
C GLN A 98 4.58 -10.45 -4.13
N TYR A 99 4.69 -11.10 -2.96
CA TYR A 99 3.62 -11.93 -2.41
C TYR A 99 2.35 -11.08 -2.19
N GLY A 100 2.51 -9.92 -1.55
CA GLY A 100 1.38 -9.00 -1.36
C GLY A 100 0.81 -8.51 -2.68
N ALA A 101 1.67 -8.18 -3.66
CA ALA A 101 1.25 -7.69 -4.97
C ALA A 101 0.45 -8.73 -5.75
N THR A 102 0.78 -10.00 -5.57
CA THR A 102 0.08 -11.09 -6.24
C THR A 102 -1.30 -11.32 -5.61
N LYS A 103 -1.38 -11.21 -4.28
CA LYS A 103 -2.64 -11.42 -3.57
C LYS A 103 -3.57 -10.19 -3.59
N THR A 104 -3.16 -9.07 -4.23
CA THR A 104 -3.97 -7.85 -4.37
C THR A 104 -4.96 -8.10 -5.55
N ALA A 105 -5.76 -9.16 -5.40
CA ALA A 105 -6.75 -9.70 -6.33
C ALA A 105 -7.79 -10.48 -5.50
N ALA A 106 -7.35 -11.23 -4.47
CA ALA A 106 -8.22 -11.94 -3.53
C ALA A 106 -9.03 -10.94 -2.69
N PHE A 107 -8.49 -9.73 -2.47
CA PHE A 107 -9.16 -8.64 -1.77
C PHE A 107 -10.33 -8.07 -2.62
N GLY A 108 -10.23 -8.16 -3.95
CA GLY A 108 -11.25 -7.69 -4.87
C GLY A 108 -12.58 -8.43 -4.71
N ALA A 109 -12.51 -9.72 -4.30
CA ALA A 109 -13.69 -10.54 -4.04
C ALA A 109 -14.51 -9.99 -2.85
N LEU A 110 -13.87 -9.24 -1.94
CA LEU A 110 -14.57 -8.62 -0.81
C LEU A 110 -15.57 -7.55 -1.31
N PHE A 111 -15.31 -6.94 -2.48
CA PHE A 111 -16.18 -5.93 -3.06
C PHE A 111 -17.14 -6.46 -4.15
N ARG A 112 -17.09 -7.76 -4.47
CA ARG A 112 -17.94 -8.33 -5.50
C ARG A 112 -18.90 -9.40 -4.96
N ALA A 113 -18.41 -10.27 -4.06
CA ALA A 113 -19.20 -11.36 -3.52
C ALA A 113 -20.14 -10.95 -2.35
N SER A 114 -21.15 -11.78 -2.05
CA SER A 114 -22.09 -11.54 -0.96
C SER A 114 -22.57 -12.85 -0.32
N GLY A 115 -23.02 -12.79 0.93
CA GLY A 115 -23.52 -13.95 1.66
C GLY A 115 -22.44 -14.94 2.02
N GLU A 116 -22.70 -16.24 1.77
CA GLU A 116 -21.73 -17.30 2.05
C GLU A 116 -20.53 -17.28 1.07
N GLU A 117 -20.68 -16.65 -0.10
CA GLU A 117 -19.60 -16.48 -1.07
C GLU A 117 -18.63 -15.40 -0.58
N LEU A 118 -19.15 -14.34 0.07
CA LEU A 118 -18.37 -13.25 0.65
C LEU A 118 -17.61 -13.78 1.88
N GLU A 119 -18.25 -14.64 2.68
CA GLU A 119 -17.61 -15.24 3.85
C GLU A 119 -16.46 -16.19 3.46
N LYS A 120 -16.49 -16.74 2.22
CA LYS A 120 -15.43 -17.60 1.71
C LYS A 120 -14.23 -16.73 1.30
N ALA A 121 -14.51 -15.58 0.64
CA ALA A 121 -13.49 -14.63 0.23
C ALA A 121 -12.77 -14.05 1.45
N ALA A 122 -13.52 -13.76 2.53
CA ALA A 122 -12.93 -13.21 3.75
C ALA A 122 -11.97 -14.21 4.38
N LYS A 123 -12.34 -15.50 4.42
CA LYS A 123 -11.47 -16.53 4.99
C LYS A 123 -10.19 -16.74 4.17
N GLU A 124 -10.29 -16.56 2.85
CA GLU A 124 -9.15 -16.66 1.95
C GLU A 124 -8.17 -15.51 2.24
N VAL A 125 -8.70 -14.30 2.44
CA VAL A 125 -7.87 -13.13 2.75
C VAL A 125 -7.22 -13.31 4.12
N VAL A 126 -7.97 -13.86 5.11
CA VAL A 126 -7.38 -14.12 6.44
C VAL A 126 -6.19 -15.08 6.32
N GLU A 127 -6.30 -16.08 5.44
CA GLU A 127 -5.24 -17.04 5.24
C GLU A 127 -4.00 -16.41 4.62
N VAL A 128 -4.19 -15.49 3.67
CA VAL A 128 -3.10 -14.74 3.05
C VAL A 128 -2.40 -13.90 4.13
N LEU A 129 -3.19 -13.22 4.96
CA LEU A 129 -2.63 -12.41 6.04
C LEU A 129 -1.91 -13.25 7.09
N ARG A 130 -2.39 -14.45 7.39
CA ARG A 130 -1.75 -15.33 8.38
C ARG A 130 -0.38 -15.77 7.92
N VAL A 131 -0.22 -16.01 6.61
CA VAL A 131 1.07 -16.40 6.06
C VAL A 131 2.03 -15.22 6.20
N LEU A 132 1.57 -14.02 5.86
CA LEU A 132 2.35 -12.82 6.00
C LEU A 132 2.78 -12.59 7.44
N GLU A 133 1.85 -12.80 8.38
CA GLU A 133 2.13 -12.63 9.79
C GLU A 133 3.15 -13.65 10.32
N GLU A 134 2.94 -14.93 10.02
CA GLU A 134 3.79 -15.99 10.53
CA GLU A 134 3.80 -15.99 10.54
C GLU A 134 5.18 -16.02 9.89
N GLN A 135 5.21 -15.98 8.57
CA GLN A 135 6.47 -16.12 7.83
C GLN A 135 7.15 -14.82 7.45
N GLY A 136 6.41 -13.72 7.41
CA GLY A 136 6.99 -12.42 7.07
C GLY A 136 7.30 -11.58 8.28
N LEU A 137 6.25 -11.23 9.06
CA LEU A 137 6.46 -10.38 10.23
C LEU A 137 7.14 -11.11 11.41
N GLY A 138 6.64 -12.29 11.77
CA GLY A 138 7.16 -13.00 12.93
C GLY A 138 6.94 -12.19 14.20
N ASP A 139 7.93 -12.12 15.08
CA ASP A 139 7.90 -11.37 16.33
C ASP A 139 8.51 -9.97 16.24
N LYS A 140 8.83 -9.49 15.01
CA LYS A 140 9.39 -8.15 14.87
C LYS A 140 8.27 -7.11 15.06
N LYS A 141 8.62 -5.91 15.50
CA LYS A 141 7.63 -4.84 15.65
C LYS A 141 7.12 -4.44 14.25
N PHE A 142 8.05 -4.27 13.29
CA PHE A 142 7.68 -3.93 11.91
C PHE A 142 8.31 -4.96 10.95
N PHE A 143 7.82 -5.03 9.70
CA PHE A 143 8.47 -5.90 8.69
C PHE A 143 9.96 -5.46 8.49
N GLY A 144 10.25 -4.19 8.75
CA GLY A 144 11.60 -3.67 8.68
C GLY A 144 12.39 -3.79 9.98
N GLY A 145 11.84 -4.48 10.99
CA GLY A 145 12.52 -4.63 12.27
C GLY A 145 12.07 -3.58 13.29
N ASP A 146 12.99 -2.71 13.73
CA ASP A 146 12.66 -1.67 14.72
C ASP A 146 12.09 -0.36 14.11
N SER A 147 12.11 -0.27 12.78
CA SER A 147 11.51 0.86 12.08
C SER A 147 10.95 0.36 10.74
N ILE A 148 10.06 1.15 10.15
CA ILE A 148 9.43 0.76 8.91
C ILE A 148 10.38 0.77 7.71
N ASN A 149 10.15 -0.16 6.79
CA ASN A 149 10.96 -0.24 5.58
C ASN A 149 10.04 -0.36 4.35
N LEU A 150 10.59 -0.67 3.16
CA LEU A 150 9.73 -0.82 1.96
C LEU A 150 8.65 -1.88 2.11
N VAL A 151 8.92 -2.94 2.88
CA VAL A 151 7.92 -4.00 3.11
C VAL A 151 6.72 -3.41 3.90
N ASP A 152 6.98 -2.69 4.99
CA ASP A 152 5.88 -2.03 5.75
C ASP A 152 5.10 -1.09 4.88
N ILE A 153 5.80 -0.29 4.07
CA ILE A 153 5.17 0.66 3.15
C ILE A 153 4.27 -0.09 2.16
N SER A 154 4.77 -1.18 1.58
CA SER A 154 3.99 -1.97 0.61
C SER A 154 2.76 -2.61 1.26
N PHE A 155 2.83 -2.90 2.58
CA PHE A 155 1.69 -3.50 3.28
C PHE A 155 0.81 -2.49 4.04
N GLY A 156 1.11 -1.20 3.93
CA GLY A 156 0.32 -0.16 4.60
C GLY A 156 -1.14 -0.14 4.20
N LEU A 157 -1.46 -0.63 3.00
CA LEU A 157 -2.85 -0.74 2.55
C LEU A 157 -3.70 -1.71 3.42
N PHE A 158 -3.05 -2.58 4.20
CA PHE A 158 -3.76 -3.45 5.14
C PHE A 158 -4.15 -2.72 6.44
N THR A 159 -3.87 -1.41 6.55
CA THR A 159 -4.28 -0.64 7.72
C THR A 159 -5.63 0.07 7.38
N CYS A 160 -5.68 1.41 7.19
CA CYS A 160 -6.96 2.08 7.03
C CYS A 160 -7.69 1.75 5.74
N TRP A 161 -7.00 1.35 4.64
CA TRP A 161 -7.72 0.99 3.41
C TRP A 161 -8.48 -0.32 3.63
N LEU A 162 -7.80 -1.32 4.21
CA LEU A 162 -8.42 -2.62 4.51
C LEU A 162 -9.54 -2.44 5.56
N GLU A 163 -9.30 -1.57 6.54
CA GLU A 163 -10.28 -1.26 7.57
C GLU A 163 -11.55 -0.67 6.94
N ALA A 164 -11.38 0.19 5.92
CA ALA A 164 -12.53 0.78 5.22
C ALA A 164 -13.29 -0.27 4.38
N ILE A 165 -12.57 -1.23 3.76
CA ILE A 165 -13.17 -2.31 2.98
C ILE A 165 -13.96 -3.23 3.91
N GLU A 166 -13.42 -3.54 5.09
CA GLU A 166 -14.08 -4.38 6.09
C GLU A 166 -15.40 -3.75 6.54
N GLU A 167 -15.42 -2.42 6.74
CA GLU A 167 -16.61 -1.72 7.18
C GLU A 167 -17.63 -1.57 6.03
N ALA A 168 -17.16 -1.33 4.80
CA ALA A 168 -18.05 -1.21 3.64
C ALA A 168 -18.72 -2.53 3.30
N ALA A 169 -17.97 -3.66 3.36
CA ALA A 169 -18.50 -4.97 3.00
C ALA A 169 -19.14 -5.75 4.15
N GLY A 170 -18.99 -5.29 5.38
CA GLY A 170 -19.54 -5.98 6.53
C GLY A 170 -18.84 -7.27 6.88
N VAL A 171 -17.52 -7.34 6.61
CA VAL A 171 -16.74 -8.54 6.95
C VAL A 171 -15.59 -8.19 7.89
N LYS A 172 -15.11 -9.17 8.64
CA LYS A 172 -13.98 -8.98 9.54
C LYS A 172 -12.85 -9.85 9.00
N VAL A 173 -11.68 -9.25 8.77
CA VAL A 173 -10.55 -9.98 8.20
C VAL A 173 -9.30 -9.84 9.12
N LEU A 174 -8.87 -8.62 9.42
CA LEU A 174 -7.68 -8.41 10.26
C LEU A 174 -8.14 -8.06 11.69
N GLU A 175 -8.31 -9.10 12.51
CA GLU A 175 -8.84 -8.97 13.87
C GLU A 175 -7.80 -9.41 14.89
N PRO A 176 -7.83 -8.83 16.11
CA PRO A 176 -6.82 -9.20 17.12
C PRO A 176 -6.86 -10.66 17.56
N SER A 177 -8.07 -11.25 17.62
CA SER A 177 -8.21 -12.64 18.07
C SER A 177 -7.58 -13.63 17.09
N THR A 178 -7.69 -13.35 15.79
CA THR A 178 -7.25 -14.28 14.77
C THR A 178 -5.85 -13.99 14.26
N LEU A 179 -5.47 -12.72 14.22
CA LEU A 179 -4.15 -12.32 13.73
C LEU A 179 -3.53 -11.36 14.77
N PRO A 180 -3.19 -11.83 16.01
CA PRO A 180 -2.73 -10.88 17.03
C PRO A 180 -1.50 -10.07 16.66
N ARG A 181 -0.47 -10.71 16.09
CA ARG A 181 0.76 -9.99 15.75
C ARG A 181 0.55 -9.03 14.59
N LEU A 182 -0.22 -9.42 13.56
CA LEU A 182 -0.46 -8.53 12.42
C LEU A 182 -1.36 -7.37 12.80
N HIS A 183 -2.32 -7.60 13.71
CA HIS A 183 -3.18 -6.53 14.17
C HIS A 183 -2.41 -5.53 15.02
N ALA A 184 -1.49 -6.02 15.87
CA ALA A 184 -0.64 -5.16 16.68
C ALA A 184 0.27 -4.32 15.76
N TRP A 185 0.81 -4.95 14.71
CA TRP A 185 1.60 -4.26 13.67
C TRP A 185 0.77 -3.16 13.01
N ALA A 186 -0.47 -3.46 12.61
CA ALA A 186 -1.31 -2.46 11.93
C ALA A 186 -1.54 -1.24 12.80
N GLN A 187 -1.74 -1.45 14.10
CA GLN A 187 -1.89 -0.34 15.05
C GLN A 187 -0.56 0.44 15.18
N ASN A 188 0.57 -0.26 15.32
CA ASN A 188 1.89 0.39 15.43
C ASN A 188 2.26 1.16 14.18
N PHE A 189 1.89 0.62 13.01
CA PHE A 189 2.18 1.26 11.73
C PHE A 189 1.48 2.61 11.63
N ILE A 190 0.16 2.63 11.92
CA ILE A 190 -0.64 3.83 11.90
C ILE A 190 -0.20 4.85 12.96
N GLU A 191 0.45 4.40 14.04
CA GLU A 191 0.93 5.29 15.11
C GLU A 191 2.25 5.93 14.77
N VAL A 192 3.01 5.41 13.78
CA VAL A 192 4.31 6.01 13.40
C VAL A 192 4.02 7.43 12.95
N PRO A 193 4.64 8.44 13.57
CA PRO A 193 4.25 9.83 13.23
C PRO A 193 4.23 10.14 11.74
N LEU A 194 5.20 9.66 10.97
CA LEU A 194 5.20 9.87 9.52
C LEU A 194 3.92 9.33 8.86
N ILE A 195 3.45 8.15 9.27
CA ILE A 195 2.25 7.57 8.69
C ILE A 195 1.00 8.33 9.19
N LYS A 196 0.92 8.55 10.51
CA LYS A 196 -0.19 9.28 11.13
C LYS A 196 -0.44 10.65 10.46
N GLU A 197 0.64 11.39 10.12
CA GLU A 197 0.51 12.69 9.47
C GLU A 197 0.25 12.63 7.97
N ASN A 198 0.23 11.43 7.38
CA ASN A 198 0.10 11.24 5.96
C ASN A 198 -0.77 10.04 5.59
N ILE A 199 -2.03 10.05 6.03
CA ILE A 199 -3.02 9.05 5.67
C ILE A 199 -4.32 9.78 5.28
N PRO A 200 -5.11 9.20 4.37
CA PRO A 200 -6.38 9.86 4.00
C PRO A 200 -7.36 9.90 5.17
N ASP A 201 -8.27 10.91 5.18
CA ASP A 201 -9.31 11.01 6.22
C ASP A 201 -10.16 9.73 6.17
N TYR A 202 -10.31 9.04 7.31
CA TYR A 202 -11.05 7.77 7.33
C TYR A 202 -12.48 7.88 6.76
N ASP A 203 -13.24 8.92 7.16
CA ASP A 203 -14.60 9.06 6.66
C ASP A 203 -14.67 9.23 5.15
N LYS A 204 -13.76 10.02 4.57
CA LYS A 204 -13.70 10.20 3.12
C LYS A 204 -13.28 8.90 2.40
N LEU A 205 -12.37 8.14 3.00
CA LEU A 205 -11.89 6.87 2.44
C LEU A 205 -13.00 5.81 2.49
N LEU A 206 -13.74 5.75 3.60
CA LEU A 206 -14.86 4.82 3.77
C LEU A 206 -15.93 5.12 2.73
N LEU A 207 -16.23 6.42 2.51
CA LEU A 207 -17.20 6.88 1.51
C LEU A 207 -16.80 6.37 0.13
N HIS A 208 -15.50 6.43 -0.19
CA HIS A 208 -14.97 5.94 -1.46
C HIS A 208 -15.10 4.42 -1.58
N MET A 209 -14.77 3.66 -0.51
CA MET A 209 -14.86 2.19 -0.52
C MET A 209 -16.31 1.71 -0.67
N LYS A 210 -17.26 2.43 -0.04
CA LYS A 210 -18.69 2.10 -0.19
C LYS A 210 -19.10 2.29 -1.66
N GLY A 211 -18.64 3.39 -2.27
CA GLY A 211 -18.89 3.72 -3.66
C GLY A 211 -18.32 2.70 -4.62
N VAL A 212 -17.07 2.24 -4.36
CA VAL A 212 -16.41 1.23 -5.19
C VAL A 212 -17.15 -0.11 -5.09
N ARG A 213 -17.61 -0.47 -3.88
CA ARG A 213 -18.36 -1.71 -3.64
C ARG A 213 -19.66 -1.73 -4.46
N GLU A 214 -20.33 -0.57 -4.55
CA GLU A 214 -21.57 -0.37 -5.29
C GLU A 214 -21.46 -0.77 -6.77
N LYS A 215 -20.48 -0.21 -7.51
CA LYS A 215 -20.32 -0.55 -8.93
C LYS A 215 -19.78 -1.96 -9.15
N MET A 216 -18.96 -2.46 -8.21
CA MET A 216 -18.45 -3.83 -8.31
C MET A 216 -19.49 -4.89 -7.89
N MET A 217 -20.65 -4.46 -7.32
CA MET A 217 -21.75 -5.31 -6.86
C MET A 217 -21.37 -6.19 -5.68
CL CL B . 1.08 0.69 -8.32
C1 KMC C . -6.74 -2.45 -2.79
C2 KMC C . -6.92 -1.39 -1.92
C3 KMC C . -7.24 0.14 -3.75
C4 KMC C . -6.99 -0.85 -4.65
C5 KMC C . -7.71 1.51 -4.00
C6 KMC C . -7.34 2.20 -5.15
O1 KMC C . -7.17 -0.11 -2.40
O2 KMC C . -6.92 -0.61 -5.97
O3 KMC C . -6.62 -2.98 1.32
O4 KMC C . -6.62 -4.85 -3.00
O KMC C . -6.49 -3.10 -5.06
C KMC C . -6.73 -2.22 -4.23
C10 KMC C . -8.48 2.17 -3.04
C9 KMC C . -8.85 3.49 -3.23
C8 KMC C . -8.48 4.16 -4.37
C7 KMC C . -7.73 3.52 -5.33
C11 KMC C . -6.89 -1.53 -0.55
C12 KMC C . -6.68 -2.79 -0.02
C13 KMC C . -6.53 -3.90 -0.86
C14 KMC C . -6.59 -3.74 -2.23
#